data_5SSO
#
_entry.id   5SSO
#
_cell.length_a   88.635
_cell.length_b   88.635
_cell.length_c   39.358
_cell.angle_alpha   90.000
_cell.angle_beta   90.000
_cell.angle_gamma   90.000
#
_symmetry.space_group_name_H-M   'P 43'
#
loop_
_entity.id
_entity.type
_entity.pdbx_description
1 polymer 'Non-structural protein 3'
2 non-polymer '(8R)-6-(2-amino-7-fluoro-9H-pyrimido[4,5-b]indol-4-yl)-8-fluoro-6-azaspiro[3.4]octane-8-carboxylic acid'
3 non-polymer '(8S)-6-(2-amino-7-fluoro-9H-pyrimido[4,5-b]indol-4-yl)-8-fluoro-6-azaspiro[3.4]octane-8-carboxylic acid'
4 water water
#
_entity_poly.entity_id   1
_entity_poly.type   'polypeptide(L)'
_entity_poly.pdbx_seq_one_letter_code
;SMVNSFSGYLKLTDNVYIKNADIVEEAKKVKPTVVVNAANVYLKHGGGVAGALNKATNNAMQVESDDYIATNGPLKVGGS
CVLSGHNLAKHCLHVVGPNVNKGEDIQLLKSAYENFNQHEVLLAPLLSAGIFGADPIHSLRVCVDTVRTNVYLAVFDKNL
YDKLVSSFL
;
_entity_poly.pdbx_strand_id   A,B
#
# COMPACT_ATOMS: atom_id res chain seq x y z
N VAL A 3 20.36 -7.17 12.65
N VAL A 3 20.55 -7.19 12.69
CA VAL A 3 21.05 -5.92 12.95
CA VAL A 3 21.16 -5.92 13.06
C VAL A 3 21.13 -5.05 11.71
C VAL A 3 21.37 -5.04 11.80
N ASN A 4 20.81 -3.76 11.86
N ASN A 4 20.72 -3.87 11.79
CA ASN A 4 20.91 -2.79 10.78
CA ASN A 4 20.86 -2.87 10.73
C ASN A 4 21.68 -1.55 11.28
C ASN A 4 21.67 -1.67 11.26
N SER A 5 21.88 -0.59 10.38
N SER A 5 21.81 -0.64 10.42
CA SER A 5 22.79 0.53 10.60
CA SER A 5 22.73 0.48 10.60
C SER A 5 22.09 1.77 11.17
C SER A 5 22.08 1.74 11.16
N PHE A 6 20.79 1.70 11.47
CA PHE A 6 20.10 2.84 12.09
C PHE A 6 20.58 3.04 13.52
N SER A 7 20.94 4.30 13.80
N SER A 7 20.83 4.29 13.93
CA SER A 7 21.55 4.66 15.06
CA SER A 7 21.42 4.58 15.24
C SER A 7 20.75 5.76 15.75
C SER A 7 20.71 5.71 15.96
N GLY A 8 20.69 5.68 17.07
N GLY A 8 20.48 5.55 17.27
CA GLY A 8 20.13 6.77 17.86
CA GLY A 8 19.86 6.58 18.10
C GLY A 8 18.62 6.83 17.93
C GLY A 8 18.35 6.64 18.06
N TYR A 9 17.92 5.79 17.47
N TYR A 9 17.68 5.55 17.71
CA TYR A 9 16.46 5.80 17.45
CA TYR A 9 16.22 5.58 17.67
C TYR A 9 15.89 5.36 18.80
C TYR A 9 15.63 5.18 19.02
N LEU A 10 14.76 5.94 19.15
N LEU A 10 14.59 5.90 19.43
CA LEU A 10 13.96 5.48 20.27
CA LEU A 10 13.75 5.46 20.55
C LEU A 10 12.97 4.43 19.75
C LEU A 10 12.81 4.41 19.98
N LYS A 11 12.82 3.34 20.50
N LYS A 11 12.76 3.22 20.58
CA LYS A 11 11.93 2.23 20.10
CA LYS A 11 11.84 2.22 20.06
C LYS A 11 10.51 2.50 20.67
C LYS A 11 10.46 2.49 20.66
N LEU A 12 9.44 2.60 19.80
CA LEU A 12 8.06 2.83 20.26
C LEU A 12 7.29 1.53 20.41
N THR A 13 7.50 0.60 19.48
CA THR A 13 6.81 -0.69 19.49
C THR A 13 7.77 -1.75 19.00
N ASP A 14 7.25 -2.96 18.82
CA ASP A 14 8.05 -4.05 18.28
C ASP A 14 8.74 -3.64 16.99
N ASN A 15 8.06 -2.85 16.15
CA ASN A 15 8.54 -2.60 14.78
C ASN A 15 8.68 -1.13 14.40
N VAL A 16 8.33 -0.19 15.28
CA VAL A 16 8.36 1.24 14.96
C VAL A 16 9.38 1.92 15.87
N TYR A 17 10.26 2.70 15.25
CA TYR A 17 11.33 3.45 15.88
C TYR A 17 11.22 4.91 15.46
N ILE A 18 11.70 5.84 16.30
CA ILE A 18 11.57 7.27 15.99
C ILE A 18 12.82 8.04 16.44
N LYS A 19 13.24 9.05 15.62
N LYS A 19 13.20 9.05 15.68
CA LYS A 19 14.40 9.89 15.85
CA LYS A 19 14.41 9.79 16.03
C LYS A 19 14.09 11.33 15.43
C LYS A 19 14.23 11.24 15.57
N ASN A 20 14.70 12.30 16.12
N ASN A 20 14.61 12.20 16.41
CA ASN A 20 14.77 13.68 15.64
CA ASN A 20 14.56 13.60 15.98
C ASN A 20 15.92 13.76 14.65
C ASN A 20 15.65 13.76 14.92
N ALA A 21 15.60 13.86 13.37
N ALA A 21 15.28 13.73 13.65
CA ALA A 21 16.65 13.88 12.35
CA ALA A 21 16.29 13.77 12.61
C ALA A 21 16.08 14.49 11.08
C ALA A 21 15.74 14.37 11.32
N ASP A 22 17.00 15.02 10.27
N ASP A 22 16.63 15.01 10.57
CA ASP A 22 16.71 15.43 8.90
CA ASP A 22 16.37 15.46 9.20
C ASP A 22 16.78 14.18 8.03
C ASP A 22 16.55 14.24 8.28
N ILE A 23 15.65 13.84 7.40
N ILE A 23 15.46 13.78 7.66
CA ILE A 23 15.59 12.61 6.61
CA ILE A 23 15.50 12.52 6.89
C ILE A 23 16.62 12.62 5.48
C ILE A 23 16.54 12.55 5.76
N VAL A 24 16.93 13.79 4.93
N VAL A 24 16.80 13.72 5.18
CA VAL A 24 17.95 13.88 3.89
CA VAL A 24 17.80 13.86 4.12
C VAL A 24 19.31 13.46 4.44
C VAL A 24 19.18 13.44 4.63
N GLU A 25 19.67 14.02 5.59
N GLU A 25 19.62 14.07 5.73
CA GLU A 25 20.96 13.69 6.19
CA GLU A 25 20.91 13.79 6.37
C GLU A 25 20.94 12.27 6.72
C GLU A 25 20.96 12.36 6.88
N GLU A 26 19.83 11.85 7.36
CA GLU A 26 19.75 10.46 7.78
C GLU A 26 19.93 9.51 6.61
N ALA A 27 19.27 9.78 5.48
CA ALA A 27 19.40 8.92 4.31
C ALA A 27 20.84 8.94 3.79
N LYS A 28 21.43 10.12 3.70
CA LYS A 28 22.81 10.25 3.22
C LYS A 28 23.79 9.43 4.04
N LYS A 29 23.52 9.25 5.30
N LYS A 29 23.56 9.39 5.38
CA LYS A 29 24.48 8.50 6.08
CA LYS A 29 24.41 8.64 6.32
C LYS A 29 24.17 7.02 6.11
C LYS A 29 24.17 7.13 6.22
N VAL A 30 22.91 6.69 6.29
CA VAL A 30 22.55 5.26 6.33
C VAL A 30 22.57 4.59 4.93
N LYS A 31 22.19 5.25 3.80
N LYS A 31 22.12 5.31 3.92
CA LYS A 31 21.97 4.64 2.50
CA LYS A 31 21.93 4.76 2.60
C LYS A 31 20.99 3.47 2.67
C LYS A 31 21.02 3.53 2.72
N PRO A 32 19.82 3.72 3.27
CA PRO A 32 18.90 2.60 3.50
C PRO A 32 18.44 2.00 2.19
N THR A 33 17.93 0.78 2.28
CA THR A 33 17.34 0.13 1.10
C THR A 33 16.17 0.95 0.58
N VAL A 34 15.34 1.49 1.48
CA VAL A 34 14.15 2.27 1.10
C VAL A 34 14.08 3.53 1.94
N VAL A 35 14.00 4.68 1.27
CA VAL A 35 13.57 5.93 1.88
C VAL A 35 12.19 6.27 1.34
N VAL A 36 11.29 6.67 2.23
CA VAL A 36 9.94 7.08 1.83
C VAL A 36 9.90 8.57 1.57
N ASN A 37 9.32 8.95 0.43
CA ASN A 37 9.02 10.33 0.12
C ASN A 37 7.54 10.62 0.39
N ALA A 38 7.28 11.77 0.99
CA ALA A 38 5.93 12.30 1.15
C ALA A 38 5.52 12.98 -0.14
N ALA A 39 5.07 12.18 -1.09
CA ALA A 39 4.78 12.62 -2.45
C ALA A 39 3.35 13.13 -2.59
N ASN A 40 3.11 13.85 -3.69
CA ASN A 40 1.77 14.11 -4.19
C ASN A 40 1.54 13.27 -5.44
N VAL A 41 0.29 13.25 -5.90
CA VAL A 41 -0.09 12.35 -7.00
C VAL A 41 0.62 12.65 -8.29
N TYR A 42 1.12 13.88 -8.46
CA TYR A 42 1.81 14.29 -9.67
C TYR A 42 3.31 14.10 -9.56
N LEU A 43 3.78 13.64 -8.40
CA LEU A 43 5.21 13.54 -8.12
C LEU A 43 5.91 14.88 -8.42
N LYS A 44 5.24 16.00 -8.08
N LYS A 44 5.21 15.97 -8.08
CA LYS A 44 5.86 17.34 -8.15
CA LYS A 44 5.75 17.30 -8.28
C LYS A 44 6.49 17.62 -6.80
C LYS A 44 6.46 17.71 -7.00
N HIS A 45 7.81 17.55 -6.73
N HIS A 45 7.79 17.55 -6.99
CA HIS A 45 8.53 17.57 -5.46
CA HIS A 45 8.58 17.77 -5.77
C HIS A 45 8.99 19.00 -5.13
C HIS A 45 9.08 19.21 -5.72
N GLY A 46 8.01 19.84 -4.80
N GLY A 46 8.13 20.13 -5.55
CA GLY A 46 8.28 21.27 -4.67
CA GLY A 46 8.41 21.56 -5.47
C GLY A 46 8.75 21.72 -3.30
C GLY A 46 8.78 22.03 -4.07
N GLY A 47 8.24 21.08 -2.25
N GLY A 47 8.06 21.56 -3.04
CA GLY A 47 8.47 21.57 -0.91
CA GLY A 47 8.31 21.97 -1.66
C GLY A 47 8.30 20.45 0.10
C GLY A 47 8.16 20.80 -0.70
N GLY A 48 8.43 20.81 1.37
N GLY A 48 8.32 21.11 0.61
CA GLY A 48 8.36 19.82 2.41
CA GLY A 48 8.22 20.07 1.64
C GLY A 48 9.44 18.78 2.27
C GLY A 48 9.39 19.09 1.56
N VAL A 49 9.12 17.56 2.72
N VAL A 49 9.21 17.88 2.13
CA VAL A 49 10.07 16.45 2.59
CA VAL A 49 10.29 16.90 2.11
C VAL A 49 10.42 16.22 1.13
C VAL A 49 10.56 16.42 0.69
N ALA A 50 9.43 16.25 0.23
N ALA A 50 9.52 16.38 -0.16
CA ALA A 50 9.69 15.95 -1.18
CA ALA A 50 9.74 16.02 -1.56
C ALA A 50 10.66 16.95 -1.79
C ALA A 50 10.72 17.00 -2.22
N GLY A 51 10.43 18.24 -1.55
N GLY A 51 10.51 18.30 -2.00
CA GLY A 51 11.33 19.24 -2.08
CA GLY A 51 11.41 19.30 -2.56
C GLY A 51 12.74 19.07 -1.56
C GLY A 51 12.81 19.19 -2.00
N ALA A 52 12.87 18.70 -0.28
N ALA A 52 12.92 18.92 -0.69
CA ALA A 52 14.20 18.51 0.30
CA ALA A 52 14.22 18.80 -0.04
C ALA A 52 14.89 17.27 -0.25
C ALA A 52 14.94 17.53 -0.49
N LEU A 53 14.18 16.15 -0.37
N LEU A 53 14.24 16.40 -0.51
CA LEU A 53 14.76 14.96 -0.96
CA LEU A 53 14.82 15.15 -1.00
C LEU A 53 15.19 15.25 -2.38
C LEU A 53 15.22 15.32 -2.45
N ASN A 54 14.31 15.87 -3.17
N ASN A 54 14.32 15.90 -3.26
CA ASN A 54 14.62 16.12 -4.56
CA ASN A 54 14.68 16.13 -4.65
C ASN A 54 15.86 17.02 -4.69
C ASN A 54 15.88 17.06 -4.74
N LYS A 55 15.93 18.08 -3.88
CA LYS A 55 17.07 18.99 -3.91
C LYS A 55 18.37 18.24 -3.63
N ALA A 56 18.33 17.31 -2.68
CA ALA A 56 19.51 16.53 -2.33
C ALA A 56 19.97 15.64 -3.47
N THR A 57 19.06 15.26 -4.38
CA THR A 57 19.41 14.50 -5.59
C THR A 57 19.79 15.39 -6.77
N ASN A 58 19.92 16.69 -6.56
CA ASN A 58 20.28 17.61 -7.64
C ASN A 58 19.22 17.58 -8.74
N ASN A 59 17.96 17.37 -8.36
CA ASN A 59 16.79 17.34 -9.26
C ASN A 59 16.68 16.04 -10.05
N ALA A 60 17.55 15.05 -9.84
CA ALA A 60 17.41 13.80 -10.58
C ALA A 60 16.12 13.08 -10.20
N MET A 61 15.69 13.18 -8.95
CA MET A 61 14.41 12.60 -8.54
C MET A 61 13.27 13.18 -9.37
N GLN A 62 13.25 14.50 -9.57
CA GLN A 62 12.19 15.12 -10.36
C GLN A 62 12.22 14.68 -11.81
N VAL A 63 13.42 14.58 -12.39
CA VAL A 63 13.54 14.15 -13.79
C VAL A 63 12.99 12.74 -13.96
N GLU A 64 13.37 11.83 -13.06
CA GLU A 64 12.86 10.47 -13.11
C GLU A 64 11.35 10.45 -12.91
N SER A 65 10.86 11.27 -11.97
CA SER A 65 9.44 11.31 -11.67
C SER A 65 8.62 11.82 -12.84
N ASP A 66 9.11 12.84 -13.54
CA ASP A 66 8.37 13.36 -14.68
C ASP A 66 8.24 12.31 -15.78
N ASP A 67 9.30 11.53 -16.00
CA ASP A 67 9.19 10.42 -16.96
C ASP A 67 8.17 9.39 -16.48
N TYR A 68 8.17 9.06 -15.19
CA TYR A 68 7.19 8.11 -14.65
C TYR A 68 5.76 8.59 -14.90
N ILE A 69 5.48 9.86 -14.61
CA ILE A 69 4.12 10.38 -14.78
C ILE A 69 3.74 10.43 -16.26
N ALA A 70 4.67 10.82 -17.11
CA ALA A 70 4.38 10.86 -18.54
C ALA A 70 3.99 9.49 -19.07
N THR A 71 4.54 8.42 -18.50
CA THR A 71 4.22 7.07 -18.93
C THR A 71 2.97 6.52 -18.25
N ASN A 72 2.80 6.78 -16.96
CA ASN A 72 1.81 6.07 -16.14
C ASN A 72 0.64 6.93 -15.67
N GLY A 73 0.74 8.24 -15.76
CA GLY A 73 -0.26 9.12 -15.18
C GLY A 73 -0.08 9.22 -13.67
N PRO A 74 -0.94 10.02 -13.05
CA PRO A 74 -0.80 10.29 -11.61
C PRO A 74 -1.04 9.06 -10.75
N LEU A 75 -0.44 9.11 -9.57
CA LEU A 75 -0.77 8.14 -8.53
C LEU A 75 -2.17 8.43 -7.98
N LYS A 76 -2.67 7.49 -7.19
CA LYS A 76 -3.85 7.66 -6.35
C LYS A 76 -3.44 8.22 -4.99
N VAL A 77 -4.31 9.04 -4.41
CA VAL A 77 -4.15 9.36 -2.99
C VAL A 77 -4.29 8.07 -2.21
N GLY A 78 -3.30 7.78 -1.35
CA GLY A 78 -3.20 6.51 -0.66
C GLY A 78 -2.30 5.52 -1.37
N GLY A 79 -1.86 5.84 -2.60
CA GLY A 79 -1.03 4.95 -3.37
C GLY A 79 0.45 5.28 -3.31
N SER A 80 1.22 4.54 -4.09
CA SER A 80 2.67 4.66 -4.06
C SER A 80 3.27 4.13 -5.35
N CYS A 81 4.54 4.48 -5.56
CA CYS A 81 5.35 3.82 -6.56
C CYS A 81 6.78 3.76 -6.05
N VAL A 82 7.52 2.77 -6.54
CA VAL A 82 8.94 2.58 -6.24
C VAL A 82 9.76 3.14 -7.39
N LEU A 83 10.64 4.08 -7.08
CA LEU A 83 11.57 4.62 -8.05
C LEU A 83 12.97 4.55 -7.44
N SER A 84 13.95 5.09 -8.17
CA SER A 84 15.31 5.09 -7.67
C SER A 84 15.45 5.91 -6.39
N GLY A 85 16.37 5.50 -5.52
CA GLY A 85 16.75 6.30 -4.38
C GLY A 85 17.90 7.24 -4.66
N HIS A 86 18.42 7.23 -5.89
CA HIS A 86 19.50 8.15 -6.31
C HIS A 86 20.66 8.04 -5.31
N ASN A 87 21.17 9.15 -4.81
CA ASN A 87 22.31 9.17 -3.89
C ASN A 87 21.88 9.02 -2.44
N LEU A 88 20.59 8.80 -2.18
CA LEU A 88 20.07 8.76 -0.82
C LEU A 88 19.75 7.37 -0.31
N ALA A 89 19.45 6.42 -1.18
CA ALA A 89 18.94 5.10 -0.80
C ALA A 89 18.99 4.23 -2.05
N LYS A 90 18.83 2.92 -1.87
CA LYS A 90 18.66 2.09 -3.04
C LYS A 90 17.41 2.49 -3.82
N HIS A 91 16.29 2.58 -3.10
CA HIS A 91 14.99 2.86 -3.66
C HIS A 91 14.33 3.99 -2.91
N CYS A 92 13.50 4.75 -3.60
CA CYS A 92 12.58 5.68 -2.97
C CYS A 92 11.16 5.19 -3.18
N LEU A 93 10.46 4.95 -2.08
CA LEU A 93 9.02 4.67 -2.12
C LEU A 93 8.27 5.99 -1.99
N HIS A 94 7.70 6.45 -3.10
CA HIS A 94 6.90 7.67 -3.12
C HIS A 94 5.50 7.31 -2.68
N VAL A 95 5.07 7.82 -1.53
CA VAL A 95 3.77 7.48 -0.96
C VAL A 95 2.95 8.74 -0.84
N VAL A 96 1.71 8.69 -1.30
CA VAL A 96 0.80 9.83 -1.28
C VAL A 96 -0.15 9.69 -0.09
N GLY A 97 0.12 10.43 0.97
CA GLY A 97 -0.82 10.57 2.05
C GLY A 97 -1.85 11.63 1.65
N PRO A 98 -3.04 11.60 2.26
CA PRO A 98 -4.02 12.66 2.02
C PRO A 98 -3.49 14.04 2.46
N ASN A 99 -3.72 15.09 1.65
N ASN A 99 -3.80 15.04 1.68
CA ASN A 99 -3.35 16.47 1.97
CA ASN A 99 -3.60 16.42 2.08
C ASN A 99 -4.60 17.17 2.51
C ASN A 99 -4.97 16.97 2.46
N VAL A 100 -4.59 17.46 3.82
N VAL A 100 -5.22 17.13 3.76
CA VAL A 100 -5.74 18.12 4.45
CA VAL A 100 -6.52 17.63 4.23
C VAL A 100 -5.96 19.50 3.85
C VAL A 100 -6.81 19.05 3.75
N ASN A 101 -4.89 20.19 3.45
N ASN A 101 -5.79 19.84 3.41
CA ASN A 101 -5.03 21.49 2.83
CA ASN A 101 -6.02 21.20 2.90
C ASN A 101 -5.59 21.42 1.40
C ASN A 101 -6.49 21.20 1.45
N LYS A 102 -5.88 20.22 0.90
N LYS A 102 -6.29 20.09 0.73
CA LYS A 102 -6.67 20.02 -0.32
CA LYS A 102 -6.78 19.91 -0.62
C LYS A 102 -8.02 19.39 -0.05
C LYS A 102 -8.11 19.18 -0.62
N GLY A 103 -8.37 19.13 1.21
N GLY A 103 -8.66 18.88 0.57
CA GLY A 103 -9.65 18.54 1.54
CA GLY A 103 -9.93 18.20 0.74
C GLY A 103 -9.75 17.04 1.39
C GLY A 103 -9.85 16.69 0.71
N GLU A 104 -8.63 16.35 1.34
N GLU A 104 -8.64 16.13 0.78
CA GLU A 104 -8.63 14.91 1.09
CA GLU A 104 -8.38 14.69 0.71
C GLU A 104 -8.96 14.13 2.35
C GLU A 104 -8.72 13.98 2.03
N ASP A 105 -9.59 12.98 2.15
N ASP A 105 -9.51 12.91 1.92
CA ASP A 105 -10.15 12.21 3.24
CA ASP A 105 -10.04 12.10 3.03
C ASP A 105 -9.02 11.58 4.01
C ASP A 105 -8.94 11.56 3.97
N ILE A 106 -8.99 11.92 5.27
CA ILE A 106 -7.96 11.49 6.20
C ILE A 106 -7.96 9.97 6.40
N GLN A 107 -9.10 9.31 6.16
CA GLN A 107 -9.18 7.85 6.22
C GLN A 107 -8.20 7.22 5.24
N LEU A 108 -7.79 7.96 4.20
CA LEU A 108 -6.85 7.41 3.23
C LEU A 108 -5.44 7.33 3.81
N LEU A 109 -5.22 7.89 4.99
CA LEU A 109 -3.91 7.80 5.61
C LEU A 109 -3.55 6.34 5.92
N LYS A 110 -4.51 5.54 6.37
CA LYS A 110 -4.22 4.14 6.64
C LYS A 110 -3.81 3.42 5.35
N SER A 111 -4.54 3.65 4.26
CA SER A 111 -4.16 3.06 2.98
C SER A 111 -2.75 3.47 2.58
N ALA A 112 -2.39 4.74 2.79
CA ALA A 112 -1.05 5.20 2.46
C ALA A 112 0.00 4.41 3.24
N TYR A 113 -0.20 4.25 4.55
CA TYR A 113 0.78 3.52 5.36
C TYR A 113 0.85 2.04 4.98
N GLU A 114 -0.25 1.46 4.45
CA GLU A 114 -0.21 0.05 4.06
C GLU A 114 0.87 -0.21 3.02
N ASN A 115 1.21 0.79 2.21
CA ASN A 115 2.28 0.61 1.22
C ASN A 115 3.59 0.23 1.89
N PHE A 116 3.82 0.67 3.13
CA PHE A 116 5.08 0.37 3.81
C PHE A 116 5.23 -1.13 4.04
N ASN A 117 4.12 -1.87 4.14
CA ASN A 117 4.20 -3.30 4.45
C ASN A 117 4.80 -4.11 3.32
N GLN A 118 4.98 -3.53 2.14
CA GLN A 118 5.63 -4.23 1.04
C GLN A 118 7.15 -4.21 1.13
N HIS A 119 7.71 -3.60 2.18
CA HIS A 119 9.15 -3.42 2.34
C HIS A 119 9.55 -3.79 3.76
N GLU A 120 10.59 -4.61 3.88
CA GLU A 120 10.95 -5.16 5.20
C GLU A 120 11.43 -4.07 6.16
N VAL A 121 12.17 -3.09 5.64
CA VAL A 121 12.75 -2.02 6.44
C VAL A 121 12.66 -0.71 5.66
N LEU A 122 12.25 0.37 6.33
CA LEU A 122 12.15 1.67 5.66
C LEU A 122 12.56 2.79 6.60
N LEU A 123 13.17 3.82 6.01
CA LEU A 123 13.34 5.13 6.64
C LEU A 123 12.24 6.03 6.11
N ALA A 124 11.49 6.69 6.98
N ALA A 124 11.51 6.68 7.03
CA ALA A 124 10.31 7.36 6.46
CA ALA A 124 10.36 7.43 6.57
C ALA A 124 10.00 8.60 7.27
C ALA A 124 10.01 8.54 7.56
N PRO A 125 9.28 9.56 6.68
N PRO A 125 9.32 9.59 7.07
CA PRO A 125 8.70 10.65 7.46
CA PRO A 125 8.72 10.62 7.92
C PRO A 125 7.29 10.22 7.88
C PRO A 125 7.28 10.24 8.26
N LEU A 126 6.70 11.02 8.77
N LEU A 126 6.61 11.03 9.11
CA LEU A 126 5.31 10.83 9.11
CA LEU A 126 5.19 10.86 9.41
C LEU A 126 4.41 11.29 7.96
C LEU A 126 4.36 11.48 8.27
N LEU A 127 3.63 10.38 7.43
N LEU A 127 3.61 10.67 7.53
CA LEU A 127 2.80 10.70 6.28
CA LEU A 127 2.86 11.16 6.36
C LEU A 127 1.70 11.69 6.64
C LEU A 127 1.67 12.04 6.78
N SER A 128 1.45 12.61 5.72
N SER A 128 1.22 12.89 5.84
CA SER A 128 0.45 13.67 5.84
CA SER A 128 0.02 13.72 5.96
C SER A 128 0.79 14.72 6.90
C SER A 128 0.11 14.86 6.98
N ALA A 129 1.98 14.64 7.52
N ALA A 129 1.23 15.02 7.67
CA ALA A 129 2.41 15.67 8.46
CA ALA A 129 1.42 16.08 8.65
C ALA A 129 2.95 16.87 7.70
C ALA A 129 2.08 17.27 7.96
N GLY A 130 3.50 17.84 8.44
N GLY A 130 2.59 18.24 8.74
CA GLY A 130 4.09 19.01 7.80
CA GLY A 130 3.20 19.41 8.12
C GLY A 130 3.07 19.73 6.95
C GLY A 130 2.20 20.07 7.16
N ILE A 131 3.50 20.10 5.74
N ILE A 131 2.68 20.40 5.95
CA ILE A 131 2.66 20.90 4.84
CA ILE A 131 1.91 21.19 4.97
C ILE A 131 1.44 20.14 4.31
C ILE A 131 0.72 20.45 4.40
N PHE A 132 1.34 18.82 4.57
N PHE A 132 0.66 19.13 4.63
CA PHE A 132 0.13 18.10 4.21
CA PHE A 132 -0.46 18.30 4.22
C PHE A 132 -1.01 18.29 5.22
C PHE A 132 -1.71 18.54 5.07
N GLY A 133 -0.73 18.92 6.36
N GLY A 133 -1.56 19.13 6.27
CA GLY A 133 -1.78 19.48 7.18
CA GLY A 133 -2.66 19.66 7.06
C GLY A 133 -2.43 18.56 8.19
C GLY A 133 -3.28 18.74 8.09
N ALA A 134 -2.03 17.28 8.27
N ALA A 134 -2.68 17.61 8.43
CA ALA A 134 -2.62 16.40 9.27
CA ALA A 134 -3.27 16.72 9.43
C ALA A 134 -1.91 16.56 10.61
C ALA A 134 -2.41 16.68 10.70
N ASP A 135 -2.56 16.06 11.65
N ASP A 135 -3.02 16.21 11.79
CA ASP A 135 -1.99 16.07 12.99
CA ASP A 135 -2.37 16.19 13.12
C ASP A 135 -0.91 14.99 13.05
C ASP A 135 -1.27 15.12 13.20
N PRO A 136 0.35 15.35 13.28
N PRO A 136 -0.03 15.48 13.53
CA PRO A 136 1.41 14.32 13.32
CA PRO A 136 1.06 14.47 13.61
C PRO A 136 1.21 13.27 14.41
C PRO A 136 0.78 13.35 14.60
N ILE A 137 0.56 13.61 15.53
N ILE A 137 0.22 13.67 15.77
CA ILE A 137 0.26 12.61 16.54
CA ILE A 137 -0.06 12.65 16.77
C ILE A 137 -0.71 11.54 15.98
C ILE A 137 -0.89 11.55 16.15
N HIS A 138 -1.83 11.96 15.30
CA HIS A 138 -2.69 10.99 14.61
C HIS A 138 -1.91 10.17 13.59
N SER A 139 -1.07 10.83 12.80
CA SER A 139 -0.29 10.09 11.80
C SER A 139 0.57 9.01 12.46
N LEU A 140 1.20 9.33 13.59
CA LEU A 140 2.00 8.33 14.29
C LEU A 140 1.14 7.16 14.77
N ARG A 141 -0.06 7.45 15.27
CA ARG A 141 -0.96 6.40 15.73
C ARG A 141 -1.33 5.48 14.58
N VAL A 142 -1.70 6.06 13.43
CA VAL A 142 -2.05 5.23 12.27
C VAL A 142 -0.85 4.41 11.83
N CYS A 143 0.33 5.02 11.82
CA CYS A 143 1.55 4.29 11.44
C CYS A 143 1.71 3.05 12.33
N VAL A 144 1.66 3.25 13.64
CA VAL A 144 1.89 2.15 14.58
C VAL A 144 0.84 1.06 14.41
N ASP A 145 -0.39 1.46 14.13
CA ASP A 145 -1.52 0.52 14.03
C ASP A 145 -1.65 -0.09 12.63
N THR A 146 -0.83 0.31 11.67
CA THR A 146 -0.95 -0.17 10.29
C THR A 146 0.29 -0.86 9.79
N VAL A 147 1.47 -0.30 10.06
CA VAL A 147 2.72 -0.82 9.53
C VAL A 147 3.18 -1.98 10.43
N ARG A 148 3.49 -3.10 9.80
CA ARG A 148 3.99 -4.29 10.48
C ARG A 148 5.46 -4.55 10.19
N THR A 149 6.01 -3.94 9.14
CA THR A 149 7.42 -4.04 8.84
C THR A 149 8.19 -3.02 9.67
N ASN A 150 9.51 -3.03 9.57
CA ASN A 150 10.34 -2.23 10.47
C ASN A 150 10.51 -0.83 9.89
N VAL A 151 9.98 0.15 10.60
CA VAL A 151 9.96 1.52 10.14
C VAL A 151 10.73 2.40 11.11
N TYR A 152 11.65 3.18 10.55
CA TYR A 152 12.50 4.14 11.24
C TYR A 152 11.99 5.51 10.84
N LEU A 153 11.36 6.23 11.74
N LEU A 153 11.22 6.08 11.79
CA LEU A 153 10.77 7.51 11.40
CA LEU A 153 10.59 7.38 11.63
C LEU A 153 11.72 8.65 11.74
C LEU A 153 11.55 8.49 12.01
N ALA A 154 11.92 9.55 10.79
N ALA A 154 11.85 9.35 11.05
CA ALA A 154 12.73 10.76 10.97
CA ALA A 154 12.66 10.53 11.29
C ALA A 154 11.78 11.94 11.11
C ALA A 154 11.73 11.72 11.48
N VAL A 155 11.90 12.66 12.23
N VAL A 155 11.90 12.45 12.57
CA VAL A 155 11.09 13.84 12.50
CA VAL A 155 11.06 13.62 12.87
C VAL A 155 12.04 15.03 12.54
C VAL A 155 11.95 14.86 12.85
N PHE A 156 11.85 15.96 11.60
N PHE A 156 11.75 15.73 11.85
CA PHE A 156 12.76 17.09 11.46
CA PHE A 156 12.59 16.92 11.66
C PHE A 156 12.73 18.02 12.67
C PHE A 156 12.43 17.93 12.81
N ASP A 157 11.54 18.34 13.14
N ASP A 157 11.20 18.27 13.15
CA ASP A 157 11.37 19.37 14.17
CA ASP A 157 10.90 19.25 14.19
C ASP A 157 11.58 18.77 15.56
C ASP A 157 11.24 18.70 15.58
N LYS A 158 12.56 19.30 16.29
N LYS A 158 12.31 19.22 16.19
CA LYS A 158 12.85 18.78 17.62
CA LYS A 158 12.73 18.77 17.52
C LYS A 158 11.65 18.94 18.55
C LYS A 158 11.57 18.90 18.51
N ASN A 159 11.00 20.10 18.51
N ASN A 159 10.89 20.05 18.50
CA ASN A 159 9.83 20.32 19.36
CA ASN A 159 9.76 20.27 19.40
C ASN A 159 8.73 19.26 19.13
C ASN A 159 8.61 19.31 19.13
N LEU A 160 8.37 18.98 17.88
CA LEU A 160 7.31 18.01 17.57
C LEU A 160 7.72 16.61 18.00
N TYR A 161 8.99 16.26 17.77
CA TYR A 161 9.52 14.97 18.21
C TYR A 161 9.25 14.76 19.70
N ASP A 162 9.57 15.75 20.52
CA ASP A 162 9.37 15.61 21.96
C ASP A 162 7.89 15.44 22.28
N LYS A 163 7.03 16.19 21.59
CA LYS A 163 5.59 16.06 21.80
C LYS A 163 5.09 14.67 21.39
N LEU A 164 5.60 14.15 20.28
CA LEU A 164 5.17 12.82 19.80
C LEU A 164 5.54 11.75 20.81
N VAL A 165 6.78 11.79 21.31
CA VAL A 165 7.23 10.80 22.30
C VAL A 165 6.42 10.93 23.58
N SER A 166 6.32 12.14 24.10
CA SER A 166 5.69 12.36 25.40
C SER A 166 4.20 12.02 25.40
N SER A 167 3.54 12.09 24.24
CA SER A 167 2.11 11.81 24.15
C SER A 167 1.82 10.42 23.62
N PHE A 168 2.85 9.61 23.37
CA PHE A 168 2.65 8.31 22.74
C PHE A 168 2.03 7.34 23.73
N LEU A 169 1.09 6.55 23.27
N LEU A 169 0.95 6.67 23.31
CA LEU A 169 0.51 5.59 24.18
CA LEU A 169 0.31 5.65 24.14
C LEU A 169 0.99 4.19 23.81
C LEU A 169 0.81 4.26 23.74
N SER B 1 -24.63 2.71 -19.82
N SER B 1 -24.52 2.81 -19.81
CA SER B 1 -24.03 1.37 -19.62
CA SER B 1 -23.90 1.49 -19.58
C SER B 1 -23.96 0.99 -18.15
C SER B 1 -23.85 1.07 -18.10
N MET B 2 -24.06 -0.32 -17.92
N MET B 2 -24.01 -0.23 -17.93
CA MET B 2 -24.09 -0.89 -16.60
CA MET B 2 -24.14 -0.90 -16.63
C MET B 2 -22.73 -1.49 -16.32
C MET B 2 -22.80 -1.54 -16.26
N VAL B 3 -22.09 -0.95 -15.30
CA VAL B 3 -20.85 -1.52 -14.77
C VAL B 3 -21.03 -1.66 -13.25
N ASN B 4 -20.24 -2.55 -12.68
CA ASN B 4 -20.28 -2.78 -11.23
C ASN B 4 -21.71 -3.04 -10.76
N SER B 5 -22.46 -3.83 -11.53
N SER B 5 -22.47 -3.85 -11.51
CA SER B 5 -23.85 -4.14 -11.21
CA SER B 5 -23.86 -4.13 -11.19
C SER B 5 -23.89 -5.48 -10.47
C SER B 5 -23.90 -5.48 -10.46
N PHE B 6 -23.54 -5.43 -9.19
CA PHE B 6 -23.51 -6.60 -8.33
C PHE B 6 -24.91 -6.84 -7.77
N SER B 7 -25.40 -8.07 -7.90
CA SER B 7 -26.71 -8.43 -7.39
C SER B 7 -26.70 -9.80 -6.72
N GLY B 8 -27.51 -9.92 -5.65
CA GLY B 8 -27.71 -11.19 -4.99
C GLY B 8 -26.62 -11.50 -4.00
N TYR B 9 -25.88 -10.47 -3.57
CA TYR B 9 -24.84 -10.63 -2.55
C TYR B 9 -25.41 -10.47 -1.16
N LEU B 10 -24.84 -11.27 -0.25
CA LEU B 10 -25.14 -11.21 1.16
C LEU B 10 -24.14 -10.29 1.84
N LYS B 11 -24.68 -9.38 2.63
N LYS B 11 -24.66 -9.29 2.58
CA LYS B 11 -23.86 -8.42 3.33
CA LYS B 11 -23.81 -8.36 3.32
C LYS B 11 -23.24 -9.07 4.58
C LYS B 11 -23.23 -9.06 4.55
N LEU B 12 -21.90 -9.05 4.68
CA LEU B 12 -21.23 -9.53 5.89
C LEU B 12 -20.82 -8.38 6.80
N THR B 13 -20.27 -7.31 6.22
CA THR B 13 -19.94 -6.08 6.92
C THR B 13 -20.38 -4.93 6.03
N ASP B 14 -20.17 -3.70 6.49
CA ASP B 14 -20.57 -2.56 5.68
C ASP B 14 -19.87 -2.54 4.32
N ASN B 15 -18.73 -3.23 4.18
CA ASN B 15 -17.99 -3.18 2.91
C ASN B 15 -17.66 -4.54 2.31
N VAL B 16 -18.03 -5.65 2.94
CA VAL B 16 -17.71 -6.99 2.44
C VAL B 16 -19.00 -7.73 2.19
N TYR B 17 -19.14 -8.24 0.95
CA TYR B 17 -20.34 -8.91 0.46
C TYR B 17 -19.92 -10.25 -0.12
N ILE B 18 -20.82 -11.23 -0.12
CA ILE B 18 -20.46 -12.58 -0.56
C ILE B 18 -21.62 -13.22 -1.32
N LYS B 19 -21.27 -14.07 -2.30
CA LYS B 19 -22.24 -14.73 -3.16
C LYS B 19 -21.70 -16.10 -3.54
N ASN B 20 -22.59 -17.08 -3.63
CA ASN B 20 -22.24 -18.39 -4.19
C ASN B 20 -22.33 -18.23 -5.71
N ALA B 21 -21.18 -18.13 -6.37
CA ALA B 21 -21.13 -17.82 -7.80
C ALA B 21 -19.77 -18.23 -8.36
N ASP B 22 -19.79 -18.50 -9.67
CA ASP B 22 -18.61 -18.70 -10.50
C ASP B 22 -18.07 -17.31 -10.88
N ILE B 23 -16.85 -17.00 -10.44
CA ILE B 23 -16.33 -15.64 -10.60
C ILE B 23 -16.24 -15.22 -12.07
N VAL B 24 -15.98 -16.15 -12.98
CA VAL B 24 -15.96 -15.81 -14.40
C VAL B 24 -17.34 -15.39 -14.88
N GLU B 25 -18.34 -16.20 -14.56
N GLU B 25 -18.35 -16.19 -14.55
CA GLU B 25 -19.71 -15.85 -14.93
CA GLU B 25 -19.73 -15.85 -14.91
C GLU B 25 -20.14 -14.54 -14.26
C GLU B 25 -20.18 -14.56 -14.25
N GLU B 26 -19.76 -14.35 -13.00
CA GLU B 26 -20.07 -13.10 -12.31
C GLU B 26 -19.43 -11.93 -13.02
N ALA B 27 -18.14 -12.06 -13.36
CA ALA B 27 -17.46 -10.96 -14.03
C ALA B 27 -18.18 -10.56 -15.33
N LYS B 28 -18.53 -11.56 -16.14
N LYS B 28 -18.60 -11.57 -16.12
CA LYS B 28 -19.18 -11.25 -17.42
CA LYS B 28 -19.25 -11.25 -17.39
C LYS B 28 -20.51 -10.56 -17.22
C LYS B 28 -20.62 -10.58 -17.19
N LYS B 29 -21.21 -10.87 -16.13
N LYS B 29 -21.31 -10.91 -16.09
CA LYS B 29 -22.52 -10.28 -15.87
CA LYS B 29 -22.62 -10.33 -15.76
C LYS B 29 -22.43 -8.93 -15.18
C LYS B 29 -22.51 -8.96 -15.11
N VAL B 30 -21.58 -8.81 -14.15
CA VAL B 30 -21.47 -7.60 -13.32
C VAL B 30 -20.75 -6.48 -14.05
N LYS B 31 -19.86 -6.84 -14.99
N LYS B 31 -19.87 -6.84 -14.94
CA LYS B 31 -18.99 -5.89 -15.67
CA LYS B 31 -19.04 -5.89 -15.66
C LYS B 31 -18.23 -5.03 -14.67
C LYS B 31 -18.27 -5.03 -14.66
N PRO B 32 -17.41 -5.62 -13.82
CA PRO B 32 -16.72 -4.87 -12.78
C PRO B 32 -15.56 -4.06 -13.36
N THR B 33 -15.26 -2.94 -12.69
CA THR B 33 -14.04 -2.21 -12.99
C THR B 33 -12.82 -3.08 -12.70
N VAL B 34 -12.86 -3.86 -11.62
CA VAL B 34 -11.71 -4.65 -11.20
C VAL B 34 -12.15 -6.06 -10.85
N VAL B 35 -11.54 -7.07 -11.47
CA VAL B 35 -11.62 -8.43 -10.98
C VAL B 35 -10.25 -8.81 -10.42
N VAL B 36 -10.25 -9.46 -9.27
CA VAL B 36 -9.02 -9.92 -8.63
C VAL B 36 -8.70 -11.32 -9.11
N ASN B 37 -7.44 -11.54 -9.47
CA ASN B 37 -6.91 -12.87 -9.75
C ASN B 37 -6.10 -13.36 -8.56
N ALA B 38 -6.29 -14.62 -8.23
CA ALA B 38 -5.47 -15.34 -7.26
C ALA B 38 -4.18 -15.78 -7.96
N ALA B 39 -3.24 -14.84 -8.05
CA ALA B 39 -2.02 -14.98 -8.83
C ALA B 39 -0.89 -15.60 -8.01
N ASN B 40 0.15 -16.01 -8.72
CA ASN B 40 1.44 -16.34 -8.15
C ASN B 40 2.49 -15.35 -8.67
N VAL B 41 3.69 -15.40 -8.10
CA VAL B 41 4.68 -14.33 -8.34
C VAL B 41 5.10 -14.24 -9.80
N TYR B 42 5.04 -15.33 -10.55
CA TYR B 42 5.42 -15.31 -11.96
C TYR B 42 4.21 -15.21 -12.88
N LEU B 43 3.03 -14.95 -12.33
CA LEU B 43 1.82 -14.79 -13.13
C LEU B 43 1.63 -15.94 -14.11
N LYS B 44 1.85 -17.17 -13.62
CA LYS B 44 1.62 -18.38 -14.40
C LYS B 44 0.24 -18.90 -14.00
N HIS B 45 -0.74 -18.71 -14.88
CA HIS B 45 -2.15 -18.89 -14.54
C HIS B 45 -2.60 -20.30 -14.88
N GLY B 46 -2.14 -21.25 -14.07
CA GLY B 46 -2.35 -22.66 -14.37
C GLY B 46 -3.64 -23.27 -13.86
N GLY B 47 -3.98 -23.00 -12.61
CA GLY B 47 -5.01 -23.74 -11.92
C GLY B 47 -5.95 -22.81 -11.16
N GLY B 48 -7.00 -23.40 -10.59
CA GLY B 48 -7.91 -22.65 -9.76
C GLY B 48 -8.45 -21.43 -10.47
N VAL B 49 -8.60 -20.35 -9.70
CA VAL B 49 -9.16 -19.11 -10.23
C VAL B 49 -8.34 -18.60 -11.40
N ALA B 50 -7.01 -18.59 -11.27
CA ALA B 50 -6.19 -18.00 -12.31
C ALA B 50 -6.35 -18.77 -13.61
N GLY B 51 -6.38 -20.10 -13.55
CA GLY B 51 -6.58 -20.88 -14.76
C GLY B 51 -7.92 -20.58 -15.41
N ALA B 52 -8.97 -20.43 -14.60
CA ALA B 52 -10.29 -20.15 -15.13
C ALA B 52 -10.35 -18.75 -15.77
N LEU B 53 -9.80 -17.74 -15.09
CA LEU B 53 -9.81 -16.40 -15.67
C LEU B 53 -9.02 -16.39 -16.98
N ASN B 54 -7.83 -16.99 -16.98
CA ASN B 54 -7.01 -16.99 -18.19
C ASN B 54 -7.72 -17.70 -19.33
N LYS B 55 -8.34 -18.86 -19.04
CA LYS B 55 -9.07 -19.58 -20.08
C LYS B 55 -10.18 -18.72 -20.66
N ALA B 56 -10.90 -17.97 -19.82
CA ALA B 56 -11.99 -17.14 -20.31
C ALA B 56 -11.48 -16.07 -21.26
N THR B 57 -10.22 -15.63 -21.09
CA THR B 57 -9.61 -14.64 -21.99
C THR B 57 -8.98 -15.30 -23.21
N ASN B 58 -9.17 -16.60 -23.41
CA ASN B 58 -8.53 -17.31 -24.51
C ASN B 58 -7.01 -17.12 -24.50
N ASN B 59 -6.42 -17.14 -23.30
CA ASN B 59 -4.97 -17.09 -23.07
C ASN B 59 -4.41 -15.68 -23.24
N ALA B 60 -5.24 -14.66 -23.53
CA ALA B 60 -4.69 -13.32 -23.67
C ALA B 60 -4.08 -12.83 -22.36
N MET B 61 -4.69 -13.21 -21.23
CA MET B 61 -4.14 -12.82 -19.93
C MET B 61 -2.73 -13.38 -19.75
N GLN B 62 -2.51 -14.63 -20.14
CA GLN B 62 -1.19 -15.22 -19.96
C GLN B 62 -0.15 -14.54 -20.84
N VAL B 63 -0.51 -14.24 -22.09
CA VAL B 63 0.45 -13.57 -22.98
C VAL B 63 0.83 -12.21 -22.40
N GLU B 64 -0.17 -11.46 -21.97
CA GLU B 64 0.09 -10.15 -21.37
C GLU B 64 0.93 -10.28 -20.10
N SER B 65 0.63 -11.31 -19.30
CA SER B 65 1.36 -11.52 -18.05
C SER B 65 2.82 -11.86 -18.30
N ASP B 66 3.09 -12.72 -19.28
CA ASP B 66 4.48 -13.07 -19.58
C ASP B 66 5.27 -11.85 -20.03
N ASP B 67 4.64 -10.97 -20.82
CA ASP B 67 5.30 -9.73 -21.20
C ASP B 67 5.56 -8.84 -19.98
N TYR B 68 4.58 -8.74 -19.07
CA TYR B 68 4.78 -7.96 -17.84
C TYR B 68 5.98 -8.50 -17.07
N ILE B 69 6.08 -9.83 -16.93
CA ILE B 69 7.19 -10.43 -16.18
C ILE B 69 8.52 -10.16 -16.87
N ALA B 70 8.56 -10.25 -18.20
CA ALA B 70 9.81 -9.98 -18.89
C ALA B 70 10.33 -8.59 -18.58
N THR B 71 9.42 -7.63 -18.48
CA THR B 71 9.78 -6.23 -18.26
C THR B 71 10.08 -5.94 -16.78
N ASN B 72 9.35 -6.55 -15.86
CA ASN B 72 9.34 -6.12 -14.47
C ASN B 72 9.87 -7.17 -13.49
N GLY B 73 10.01 -8.43 -13.91
CA GLY B 73 10.35 -9.47 -12.98
C GLY B 73 9.16 -9.90 -12.14
N PRO B 74 9.37 -10.91 -11.30
CA PRO B 74 8.28 -11.46 -10.49
C PRO B 74 7.80 -10.50 -9.43
N LEU B 75 6.53 -10.65 -9.07
CA LEU B 75 5.95 -9.94 -7.94
C LEU B 75 6.51 -10.51 -6.65
N LYS B 76 6.26 -9.78 -5.55
CA LYS B 76 6.50 -10.26 -4.19
C LYS B 76 5.26 -11.00 -3.70
N VAL B 77 5.45 -12.04 -2.89
CA VAL B 77 4.31 -12.60 -2.15
C VAL B 77 3.75 -11.48 -1.28
N GLY B 78 2.44 -11.27 -1.37
CA GLY B 78 1.77 -10.16 -0.71
C GLY B 78 1.60 -8.94 -1.59
N GLY B 79 2.21 -8.94 -2.78
CA GLY B 79 2.11 -7.83 -3.71
C GLY B 79 1.07 -8.06 -4.80
N SER B 80 1.04 -7.10 -5.72
CA SER B 80 0.04 -7.11 -6.79
C SER B 80 0.51 -6.29 -7.98
N CYS B 81 -0.17 -6.49 -9.10
CA CYS B 81 -0.04 -5.58 -10.24
C CYS B 81 -1.39 -5.48 -10.92
N VAL B 82 -1.59 -4.35 -11.59
CA VAL B 82 -2.81 -4.10 -12.37
C VAL B 82 -2.51 -4.34 -13.84
N LEU B 83 -3.28 -5.22 -14.47
CA LEU B 83 -3.18 -5.48 -15.91
C LEU B 83 -4.59 -5.37 -16.50
N SER B 84 -4.71 -5.65 -17.79
CA SER B 84 -6.02 -5.58 -18.41
C SER B 84 -6.95 -6.65 -17.86
N GLY B 85 -8.25 -6.34 -17.84
CA GLY B 85 -9.28 -7.31 -17.53
C GLY B 85 -9.86 -8.01 -18.74
N HIS B 86 -9.41 -7.68 -19.96
CA HIS B 86 -9.80 -8.43 -21.16
C HIS B 86 -11.33 -8.44 -21.28
N ASN B 87 -11.96 -9.61 -21.41
CA ASN B 87 -13.40 -9.72 -21.55
C ASN B 87 -14.09 -9.90 -20.20
N LEU B 88 -13.38 -9.70 -19.09
CA LEU B 88 -13.90 -9.93 -17.75
C LEU B 88 -14.13 -8.66 -16.97
N ALA B 89 -13.34 -7.62 -17.21
CA ALA B 89 -13.35 -6.44 -16.35
C ALA B 89 -12.52 -5.38 -17.04
N LYS B 90 -12.64 -4.12 -16.56
N LYS B 90 -12.64 -4.14 -16.59
CA LYS B 90 -11.74 -3.09 -17.05
CA LYS B 90 -11.72 -3.13 -17.10
C LYS B 90 -10.29 -3.48 -16.75
C LYS B 90 -10.28 -3.53 -16.77
N HIS B 91 -10.03 -3.89 -15.52
CA HIS B 91 -8.71 -4.25 -15.04
C HIS B 91 -8.76 -5.59 -14.31
N CYS B 92 -7.65 -6.30 -14.34
CA CYS B 92 -7.42 -7.42 -13.44
C CYS B 92 -6.34 -7.03 -12.46
N LEU B 93 -6.66 -7.09 -11.17
CA LEU B 93 -5.69 -6.93 -10.10
C LEU B 93 -5.16 -8.31 -9.74
N HIS B 94 -3.93 -8.59 -10.14
CA HIS B 94 -3.28 -9.87 -9.84
C HIS B 94 -2.66 -9.74 -8.46
N VAL B 95 -3.19 -10.47 -7.48
CA VAL B 95 -2.74 -10.39 -6.10
C VAL B 95 -2.15 -11.72 -5.68
N VAL B 96 -0.96 -11.70 -5.09
CA VAL B 96 -0.27 -12.91 -4.66
C VAL B 96 -0.49 -13.09 -3.17
N GLY B 97 -1.39 -14.00 -2.80
CA GLY B 97 -1.50 -14.46 -1.44
C GLY B 97 -0.48 -15.55 -1.20
N PRO B 98 -0.13 -15.79 0.06
CA PRO B 98 0.77 -16.90 0.38
C PRO B 98 0.12 -18.25 0.04
N ASN B 99 0.90 -19.12 -0.58
CA ASN B 99 0.49 -20.50 -0.89
C ASN B 99 1.01 -21.43 0.22
N VAL B 100 0.12 -21.78 1.16
CA VAL B 100 0.48 -22.67 2.29
C VAL B 100 0.88 -24.05 1.79
N ASN B 101 0.33 -24.48 0.67
N ASN B 101 0.31 -24.49 0.65
CA ASN B 101 0.76 -25.75 0.10
CA ASN B 101 0.71 -25.78 0.05
C ASN B 101 2.19 -25.71 -0.39
C ASN B 101 2.13 -25.76 -0.49
N LYS B 102 2.80 -24.52 -0.46
N LYS B 102 2.76 -24.59 -0.52
CA LYS B 102 4.21 -24.37 -0.79
CA LYS B 102 4.18 -24.44 -0.82
C LYS B 102 5.04 -23.85 0.39
C LYS B 102 4.95 -23.95 0.40
N GLY B 103 4.49 -23.90 1.59
N GLY B 103 4.32 -23.98 1.57
CA GLY B 103 5.24 -23.51 2.78
CA GLY B 103 4.92 -23.63 2.84
C GLY B 103 5.35 -22.03 3.02
C GLY B 103 5.18 -22.14 3.04
N GLU B 104 4.62 -21.20 2.27
N GLU B 104 4.40 -21.27 2.38
CA GLU B 104 4.73 -19.76 2.42
CA GLU B 104 4.61 -19.83 2.51
C GLU B 104 3.97 -19.28 3.64
C GLU B 104 3.90 -19.32 3.77
N ASP B 105 4.43 -18.18 4.22
N ASP B 105 4.35 -18.17 4.27
CA ASP B 105 3.93 -17.72 5.53
CA ASP B 105 3.89 -17.69 5.57
C ASP B 105 2.52 -17.14 5.39
C ASP B 105 2.48 -17.12 5.41
N ILE B 106 1.51 -17.82 5.96
CA ILE B 106 0.12 -17.34 6.03
C ILE B 106 0.04 -15.92 6.58
N GLN B 107 1.05 -15.49 7.36
CA GLN B 107 1.05 -14.13 7.89
C GLN B 107 1.04 -13.07 6.78
N LEU B 108 1.52 -13.40 5.57
CA LEU B 108 1.52 -12.46 4.45
C LEU B 108 0.16 -12.23 3.84
N LEU B 109 -0.86 -12.94 4.32
CA LEU B 109 -2.20 -12.79 3.76
C LEU B 109 -2.76 -11.39 4.03
N LYS B 110 -2.44 -10.78 5.18
CA LYS B 110 -2.94 -9.43 5.42
C LYS B 110 -2.35 -8.45 4.42
N SER B 111 -1.03 -8.52 4.17
CA SER B 111 -0.43 -7.67 3.15
C SER B 111 -1.09 -7.87 1.80
N ALA B 112 -1.39 -9.11 1.44
CA ALA B 112 -2.04 -9.37 0.15
C ALA B 112 -3.39 -8.66 0.08
N TYR B 113 -4.21 -8.76 1.14
CA TYR B 113 -5.51 -8.12 1.13
C TYR B 113 -5.40 -6.59 1.12
N GLU B 114 -4.33 -6.03 1.68
CA GLU B 114 -4.19 -4.57 1.67
C GLU B 114 -4.18 -4.02 0.25
N ASN B 115 -3.77 -4.82 -0.74
CA ASN B 115 -3.81 -4.34 -2.12
C ASN B 115 -5.23 -3.95 -2.54
N PHE B 116 -6.24 -4.62 -1.97
CA PHE B 116 -7.61 -4.33 -2.36
C PHE B 116 -7.99 -2.89 -2.01
N ASN B 117 -7.37 -2.30 -0.98
CA ASN B 117 -7.72 -0.94 -0.54
C ASN B 117 -7.36 0.13 -1.55
N GLN B 118 -6.60 -0.20 -2.58
CA GLN B 118 -6.28 0.76 -3.64
C GLN B 118 -7.38 0.85 -4.71
N HIS B 119 -8.51 0.16 -4.53
CA HIS B 119 -9.59 0.11 -5.51
C HIS B 119 -10.90 0.26 -4.78
N GLU B 120 -11.77 1.16 -5.26
N GLU B 120 -11.76 1.15 -5.28
CA GLU B 120 -12.97 1.48 -4.51
CA GLU B 120 -12.98 1.49 -4.54
C GLU B 120 -13.95 0.30 -4.49
C GLU B 120 -13.95 0.31 -4.50
N VAL B 121 -13.97 -0.51 -5.55
CA VAL B 121 -14.87 -1.67 -5.61
C VAL B 121 -14.20 -2.76 -6.44
N LEU B 122 -14.30 -4.00 -5.96
CA LEU B 122 -13.66 -5.16 -6.60
C LEU B 122 -14.58 -6.38 -6.54
N LEU B 123 -14.51 -7.20 -7.59
CA LEU B 123 -15.00 -8.57 -7.58
C LEU B 123 -13.80 -9.47 -7.30
N ALA B 124 -13.91 -10.36 -6.30
CA ALA B 124 -12.71 -11.07 -5.87
C ALA B 124 -13.00 -12.49 -5.38
N PRO B 125 -12.01 -13.36 -5.45
CA PRO B 125 -12.02 -14.63 -4.72
C PRO B 125 -11.40 -14.42 -3.34
N LEU B 126 -11.58 -15.40 -2.47
CA LEU B 126 -10.85 -15.44 -1.20
C LEU B 126 -9.39 -15.78 -1.44
N LEU B 127 -8.50 -14.90 -1.01
CA LEU B 127 -7.08 -15.09 -1.25
C LEU B 127 -6.54 -16.26 -0.42
N SER B 128 -5.57 -16.96 -0.99
CA SER B 128 -4.87 -18.09 -0.41
C SER B 128 -5.79 -19.28 -0.15
N ALA B 129 -7.04 -19.24 -0.60
CA ALA B 129 -7.96 -20.38 -0.47
C ALA B 129 -7.70 -21.41 -1.57
N GLY B 130 -8.46 -22.50 -1.50
CA GLY B 130 -8.47 -23.49 -2.57
C GLY B 130 -7.09 -24.09 -2.75
N ILE B 131 -6.61 -24.04 -4.00
CA ILE B 131 -5.35 -24.69 -4.33
C ILE B 131 -4.17 -24.06 -3.60
N PHE B 132 -4.36 -22.87 -3.00
CA PHE B 132 -3.30 -22.25 -2.21
C PHE B 132 -3.23 -22.77 -0.77
N GLY B 133 -4.27 -23.49 -0.30
CA GLY B 133 -4.17 -24.30 0.91
C GLY B 133 -4.44 -23.61 2.24
N ALA B 134 -4.81 -22.33 2.27
CA ALA B 134 -5.17 -21.72 3.55
C ALA B 134 -6.61 -22.05 3.90
N ASP B 135 -6.93 -21.93 5.19
CA ASP B 135 -8.30 -22.12 5.64
C ASP B 135 -9.15 -20.97 5.10
N PRO B 136 -10.17 -21.25 4.27
CA PRO B 136 -10.97 -20.14 3.74
C PRO B 136 -11.66 -19.34 4.82
N ILE B 137 -11.98 -19.96 5.97
CA ILE B 137 -12.57 -19.21 7.08
C ILE B 137 -11.59 -18.16 7.57
N HIS B 138 -10.31 -18.53 7.65
CA HIS B 138 -9.30 -17.55 8.02
C HIS B 138 -9.14 -16.48 6.96
N SER B 139 -9.20 -16.86 5.69
CA SER B 139 -9.05 -15.86 4.65
C SER B 139 -10.17 -14.84 4.71
N LEU B 140 -11.41 -15.29 4.98
CA LEU B 140 -12.52 -14.37 5.11
C LEU B 140 -12.31 -13.44 6.30
N ARG B 141 -11.81 -13.99 7.40
CA ARG B 141 -11.48 -13.20 8.58
C ARG B 141 -10.51 -12.07 8.24
N VAL B 142 -9.39 -12.44 7.62
CA VAL B 142 -8.40 -11.44 7.26
C VAL B 142 -8.99 -10.42 6.29
N CYS B 143 -9.77 -10.88 5.32
CA CYS B 143 -10.44 -9.96 4.39
C CYS B 143 -11.24 -8.92 5.14
N VAL B 144 -12.12 -9.37 6.02
CA VAL B 144 -13.00 -8.45 6.72
C VAL B 144 -12.22 -7.49 7.60
N ASP B 145 -11.13 -7.95 8.18
CA ASP B 145 -10.35 -7.17 9.11
C ASP B 145 -9.34 -6.27 8.41
N THR B 146 -9.19 -6.40 7.10
CA THR B 146 -8.18 -5.65 6.36
C THR B 146 -8.75 -4.76 5.28
N VAL B 147 -9.72 -5.25 4.51
CA VAL B 147 -10.24 -4.50 3.37
C VAL B 147 -11.26 -3.51 3.89
N ARG B 148 -11.14 -2.25 3.43
CA ARG B 148 -12.07 -1.20 3.78
C ARG B 148 -12.86 -0.71 2.57
N THR B 149 -12.39 -0.99 1.36
CA THR B 149 -13.14 -0.68 0.15
C THR B 149 -14.18 -1.78 -0.10
N ASN B 150 -14.99 -1.61 -1.12
CA ASN B 150 -16.14 -2.50 -1.31
C ASN B 150 -15.70 -3.74 -2.07
N VAL B 151 -15.74 -4.89 -1.40
CA VAL B 151 -15.30 -6.15 -1.99
C VAL B 151 -16.47 -7.12 -2.05
N TYR B 152 -16.70 -7.64 -3.25
CA TYR B 152 -17.74 -8.61 -3.57
C TYR B 152 -17.05 -9.94 -3.83
N LEU B 153 -17.19 -10.88 -2.89
CA LEU B 153 -16.52 -12.16 -2.91
C LEU B 153 -17.41 -13.19 -3.60
N ALA B 154 -16.84 -13.92 -4.56
CA ALA B 154 -17.49 -15.01 -5.25
C ALA B 154 -16.90 -16.32 -4.76
N VAL B 155 -17.76 -17.18 -4.23
CA VAL B 155 -17.41 -18.49 -3.72
C VAL B 155 -18.14 -19.52 -4.58
N PHE B 156 -17.39 -20.35 -5.28
CA PHE B 156 -17.97 -21.28 -6.25
C PHE B 156 -18.80 -22.38 -5.59
N ASP B 157 -18.26 -23.05 -4.59
CA ASP B 157 -18.93 -24.22 -4.03
C ASP B 157 -19.99 -23.78 -3.00
N LYS B 158 -21.27 -24.10 -3.25
CA LYS B 158 -22.35 -23.79 -2.30
C LYS B 158 -22.03 -24.27 -0.89
N ASN B 159 -21.41 -25.44 -0.76
CA ASN B 159 -21.15 -26.00 0.57
C ASN B 159 -20.07 -25.21 1.30
N LEU B 160 -19.08 -24.68 0.58
CA LEU B 160 -18.09 -23.83 1.22
C LEU B 160 -18.72 -22.46 1.54
N TYR B 161 -19.53 -21.94 0.62
CA TYR B 161 -20.27 -20.70 0.88
C TYR B 161 -21.05 -20.82 2.18
N ASP B 162 -21.77 -21.93 2.35
CA ASP B 162 -22.58 -22.10 3.55
C ASP B 162 -21.71 -22.18 4.80
N LYS B 163 -20.58 -22.87 4.70
CA LYS B 163 -19.65 -22.96 5.83
C LYS B 163 -19.11 -21.58 6.21
N LEU B 164 -18.80 -20.75 5.19
CA LEU B 164 -18.29 -19.41 5.44
C LEU B 164 -19.35 -18.50 6.07
N VAL B 165 -20.57 -18.49 5.49
CA VAL B 165 -21.62 -17.61 5.99
C VAL B 165 -22.07 -18.06 7.36
N SER B 166 -22.28 -19.37 7.52
CA SER B 166 -22.87 -19.90 8.75
C SER B 166 -21.94 -19.70 9.94
N SER B 167 -20.62 -19.68 9.72
CA SER B 167 -19.62 -19.55 10.77
C SER B 167 -19.13 -18.11 10.95
N PHE B 168 -19.48 -17.18 10.06
CA PHE B 168 -18.97 -15.82 10.18
C PHE B 168 -19.52 -15.13 11.43
N LEU B 169 -20.75 -15.44 11.82
N LEU B 169 -20.76 -15.41 11.76
CA LEU B 169 -21.40 -14.82 12.97
CA LEU B 169 -21.43 -14.83 12.91
C LEU B 169 -22.39 -15.76 13.63
C LEU B 169 -22.41 -15.84 13.49
#